data_7BN5
#
_entry.id   7BN5
#
_cell.length_a   59.580
_cell.length_b   71.270
_cell.length_c   78.840
_cell.angle_alpha   90.000
_cell.angle_beta   90.000
_cell.angle_gamma   90.000
#
_symmetry.space_group_name_H-M   'P 21 21 21'
#
loop_
_entity.id
_entity.type
_entity.pdbx_description
1 polymer 'Palmitoleoyl-protein carboxylesterase NOTUM'
2 non-polymer 'SULFATE ION'
3 non-polymer GLYCEROL
4 non-polymer 2-acetamido-2-deoxy-beta-D-glucopyranose
5 non-polymer '2-isoquinolin-1-ylsulfanylethanoic acid'
6 water water
#
_entity_poly.entity_id   1
_entity_poly.type   'polypeptide(L)'
_entity_poly.pdbx_seq_one_letter_code
;ETGSAQQLNEDLRLHLLLNTSVTCNDGSPAGYYLKESRGSRRWLLFLEGGWYCFNRENCDSRYDTMRRLMSSRDWPRTRT
GTGILSSQPEENPYWWNANMVFIPYCSSDVWSGASSKSEKNEYAFMGALIIQEVVRELLGRGLSGAKVLLLAGSSAGGTG
VLLNVDRVAEQLEKLGYPAIQVRGLADSGWFLDNKQYRHTDCVDTITCAPTEAIRRGIRYWNGVVPERCRRQFQEGEEWN
CFFGYKVYPTLRSPVFVVQWLFDEAQLTVDNVHLTGQPVQEGLRLYIQNLGRELRHTLKDVPASFAPACLSHEIIIRSHW
TDVQVKGTSLPRALHCWDRSLHDSHKASKTPLKGCPVHLVDSCPWPHCNPSCPTGTKHHHHHH
;
_entity_poly.pdbx_strand_id   A
#
loop_
_chem_comp.id
_chem_comp.type
_chem_comp.name
_chem_comp.formula
GOL non-polymer GLYCEROL 'C3 H8 O3'
NAG D-saccharide, beta linking 2-acetamido-2-deoxy-beta-D-glucopyranose 'C8 H15 N O6'
SO4 non-polymer 'SULFATE ION' 'O4 S -2'
U4K non-polymer '2-isoquinolin-1-ylsulfanylethanoic acid' 'C11 H9 N O2 S'
#
# COMPACT_ATOMS: atom_id res chain seq x y z
N GLU A 10 13.63 11.89 15.00
CA GLU A 10 12.48 11.79 14.09
C GLU A 10 12.93 11.21 12.75
N ASP A 11 14.23 10.99 12.61
CA ASP A 11 14.82 10.57 11.34
C ASP A 11 14.93 9.06 11.27
N LEU A 12 14.68 8.52 10.08
CA LEU A 12 14.89 7.11 9.78
C LEU A 12 16.14 6.98 8.93
N ARG A 13 17.03 6.08 9.33
CA ARG A 13 18.34 5.97 8.70
C ARG A 13 18.33 4.90 7.62
N LEU A 14 18.99 5.20 6.50
CA LEU A 14 18.98 4.31 5.35
C LEU A 14 19.90 3.11 5.58
N HIS A 15 19.42 1.94 5.18
CA HIS A 15 20.22 0.71 5.17
C HIS A 15 19.98 0.02 3.83
N LEU A 16 20.98 0.05 2.96
CA LEU A 16 20.91 -0.74 1.74
C LEU A 16 20.99 -2.23 2.06
N LEU A 17 20.34 -3.04 1.23
CA LEU A 17 20.24 -4.47 1.50
C LEU A 17 21.62 -5.13 1.42
N LEU A 18 21.96 -5.88 2.47
CA LEU A 18 23.21 -6.64 2.46
C LEU A 18 23.22 -7.67 1.34
N ASN A 19 22.06 -8.24 1.01
CA ASN A 19 21.91 -9.12 -0.14
C ASN A 19 21.75 -8.25 -1.37
N THR A 20 22.86 -7.96 -2.04
CA THR A 20 22.85 -7.08 -3.20
C THR A 20 22.25 -7.72 -4.43
N SER A 21 21.83 -8.99 -4.37
CA SER A 21 21.11 -9.59 -5.49
C SER A 21 19.67 -9.11 -5.55
N VAL A 22 19.16 -8.51 -4.48
CA VAL A 22 17.83 -7.91 -4.43
C VAL A 22 18.01 -6.44 -4.77
N THR A 23 17.55 -6.03 -5.96
CA THR A 23 17.94 -4.75 -6.53
C THR A 23 16.72 -3.91 -6.88
N CYS A 24 16.98 -2.62 -7.10
CA CYS A 24 16.01 -1.72 -7.71
C CYS A 24 15.93 -2.02 -9.20
N ASN A 25 15.29 -1.12 -9.96
CA ASN A 25 15.04 -1.40 -11.37
C ASN A 25 16.34 -1.49 -12.17
N ASP A 26 17.32 -0.64 -11.86
CA ASP A 26 18.53 -0.54 -12.67
C ASP A 26 19.68 -1.40 -12.16
N GLY A 27 19.43 -2.27 -11.18
CA GLY A 27 20.45 -3.13 -10.64
C GLY A 27 21.09 -2.63 -9.36
N SER A 28 20.88 -1.36 -9.02
CA SER A 28 21.34 -0.85 -7.74
C SER A 28 20.61 -1.55 -6.60
N PRO A 29 21.26 -1.72 -5.45
CA PRO A 29 20.60 -2.46 -4.37
C PRO A 29 19.41 -1.71 -3.81
N ALA A 30 18.38 -2.46 -3.43
CA ALA A 30 17.23 -1.90 -2.74
C ALA A 30 17.64 -1.63 -1.29
N GLY A 31 16.67 -1.28 -0.45
CA GLY A 31 16.97 -0.99 0.93
C GLY A 31 15.74 -0.59 1.70
N TYR A 32 15.98 0.11 2.81
CA TYR A 32 14.94 0.48 3.75
C TYR A 32 15.49 1.56 4.67
N TYR A 33 14.58 2.34 5.25
CA TYR A 33 14.91 3.34 6.25
C TYR A 33 14.38 2.86 7.60
N LEU A 34 15.21 2.94 8.63
CA LEU A 34 14.90 2.38 9.94
C LEU A 34 15.11 3.41 11.03
N LYS A 35 14.12 3.53 11.92
CA LYS A 35 14.29 4.22 13.20
C LYS A 35 13.80 3.25 14.27
N GLU A 36 14.72 2.73 15.06
CA GLU A 36 14.38 1.74 16.07
C GLU A 36 13.75 2.40 17.30
N SER A 37 12.93 1.62 18.00
CA SER A 37 12.27 2.05 19.22
C SER A 37 12.39 0.91 20.23
N ARG A 38 13.52 0.86 20.94
CA ARG A 38 13.70 -0.16 21.96
C ARG A 38 12.62 -0.03 23.03
N GLY A 39 12.26 -1.16 23.62
CA GLY A 39 11.11 -1.18 24.51
C GLY A 39 9.78 -1.19 23.80
N SER A 40 9.75 -1.52 22.51
CA SER A 40 8.53 -1.60 21.74
C SER A 40 8.62 -2.80 20.81
N ARG A 41 7.63 -3.69 20.90
CA ARG A 41 7.55 -4.87 20.05
C ARG A 41 6.59 -4.68 18.89
N ARG A 42 6.29 -3.43 18.54
CA ARG A 42 5.47 -3.09 17.39
C ARG A 42 6.36 -2.61 16.27
N TRP A 43 6.15 -3.14 15.06
CA TRP A 43 6.99 -2.84 13.91
C TRP A 43 6.12 -2.43 12.74
N LEU A 44 6.36 -1.23 12.21
CA LEU A 44 5.60 -0.67 11.10
C LEU A 44 6.49 -0.61 9.87
N LEU A 45 6.12 -1.38 8.84
CA LEU A 45 6.84 -1.43 7.57
C LEU A 45 5.96 -0.81 6.49
N PHE A 46 6.31 0.39 6.06
CA PHE A 46 5.50 1.16 5.12
C PHE A 46 6.02 0.98 3.70
N LEU A 47 5.11 0.69 2.78
CA LEU A 47 5.44 0.49 1.37
C LEU A 47 5.09 1.77 0.60
N GLU A 48 6.10 2.38 0.01
CA GLU A 48 5.90 3.60 -0.76
C GLU A 48 5.17 3.29 -2.07
N GLY A 49 4.37 4.25 -2.52
CA GLY A 49 3.71 4.16 -3.81
C GLY A 49 4.46 4.92 -4.88
N GLY A 50 3.77 5.13 -6.01
CA GLY A 50 4.35 5.89 -7.10
C GLY A 50 4.14 5.26 -8.47
N TRP A 51 2.92 4.78 -8.72
CA TRP A 51 2.53 4.22 -10.01
C TRP A 51 3.37 3.02 -10.42
N TYR A 52 3.71 2.91 -11.70
CA TYR A 52 4.36 1.72 -12.23
C TYR A 52 4.80 1.99 -13.67
N CYS A 53 5.41 0.97 -14.28
CA CYS A 53 5.74 0.99 -15.70
C CYS A 53 5.75 -0.44 -16.21
N PHE A 54 5.13 -0.67 -17.36
CA PHE A 54 4.85 -2.02 -17.83
C PHE A 54 5.48 -2.37 -19.17
N ASN A 55 6.38 -1.55 -19.70
CA ASN A 55 7.14 -1.97 -20.88
C ASN A 55 8.46 -1.20 -20.92
N ARG A 56 9.34 -1.64 -21.82
CA ARG A 56 10.66 -1.02 -21.94
C ARG A 56 10.57 0.46 -22.22
N GLU A 57 9.63 0.87 -23.07
CA GLU A 57 9.57 2.25 -23.51
C GLU A 57 9.17 3.19 -22.38
N ASN A 58 8.07 2.89 -21.70
CA ASN A 58 7.62 3.81 -20.64
C ASN A 58 8.47 3.68 -19.39
N CYS A 59 9.11 2.52 -19.17
CA CYS A 59 10.08 2.41 -18.08
C CYS A 59 11.32 3.26 -18.36
N ASP A 60 11.72 3.36 -19.63
CA ASP A 60 12.81 4.24 -20.00
C ASP A 60 12.45 5.70 -19.75
N SER A 61 11.20 6.08 -20.05
CA SER A 61 10.74 7.43 -19.73
C SER A 61 10.72 7.66 -18.23
N ARG A 62 10.29 6.66 -17.47
CA ARG A 62 10.28 6.76 -16.01
C ARG A 62 11.70 6.89 -15.46
N TYR A 63 12.67 6.27 -16.12
CA TYR A 63 14.07 6.37 -15.69
C TYR A 63 14.65 7.75 -15.92
N ASP A 64 14.10 8.53 -16.86
CA ASP A 64 14.60 9.87 -17.11
C ASP A 64 14.11 10.87 -16.08
N THR A 65 12.88 10.71 -15.60
CA THR A 65 12.23 11.74 -14.79
C THR A 65 11.79 11.27 -13.42
N MET A 66 11.89 9.97 -13.12
CA MET A 66 11.50 9.43 -11.82
C MET A 66 12.53 8.39 -11.36
N ARG A 67 13.82 8.72 -11.51
CA ARG A 67 14.86 7.72 -11.32
C ARG A 67 14.95 7.25 -9.87
N ARG A 68 14.58 8.11 -8.91
CA ARG A 68 14.58 7.67 -7.52
C ARG A 68 13.56 6.58 -7.27
N LEU A 69 12.54 6.44 -8.12
CA LEU A 69 11.61 5.33 -8.07
C LEU A 69 12.09 4.14 -8.89
N MET A 70 13.31 4.19 -9.44
CA MET A 70 13.88 3.07 -10.16
C MET A 70 15.34 2.81 -9.77
N SER A 71 15.89 3.54 -8.81
CA SER A 71 17.31 3.44 -8.53
C SER A 71 17.58 3.99 -7.13
N SER A 72 18.57 3.42 -6.48
CA SER A 72 18.98 3.87 -5.14
C SER A 72 20.24 4.71 -5.16
N ARG A 73 20.83 4.97 -6.33
CA ARG A 73 22.10 5.67 -6.39
C ARG A 73 22.02 7.06 -5.76
N ASP A 74 20.85 7.69 -5.78
CA ASP A 74 20.70 9.07 -5.34
C ASP A 74 19.86 9.20 -4.08
N TRP A 75 19.56 8.10 -3.39
CA TRP A 75 18.74 8.17 -2.19
C TRP A 75 19.47 8.97 -1.10
N PRO A 76 18.74 9.77 -0.33
CA PRO A 76 19.36 10.43 0.82
C PRO A 76 19.67 9.42 1.93
N ARG A 77 20.58 9.82 2.81
CA ARG A 77 21.01 8.94 3.89
C ARG A 77 19.96 8.83 5.00
N THR A 78 19.13 9.85 5.18
CA THR A 78 18.10 9.85 6.20
C THR A 78 16.78 10.29 5.58
N ARG A 79 15.72 10.18 6.38
CA ARG A 79 14.39 10.62 5.98
C ARG A 79 13.56 10.84 7.22
N THR A 80 12.72 11.88 7.21
CA THR A 80 11.92 12.24 8.37
C THR A 80 10.60 11.48 8.35
N GLY A 81 10.33 10.76 9.43
CA GLY A 81 9.07 10.04 9.54
C GLY A 81 7.90 11.00 9.73
N THR A 82 6.90 10.88 8.87
CA THR A 82 5.73 11.74 8.89
C THR A 82 4.46 10.90 8.97
N GLY A 83 3.42 11.49 9.56
CA GLY A 83 2.15 10.80 9.74
C GLY A 83 2.26 9.58 10.63
N ILE A 84 1.90 8.41 10.09
CA ILE A 84 1.94 7.18 10.88
C ILE A 84 3.37 6.72 11.11
N LEU A 85 4.33 7.22 10.32
CA LEU A 85 5.74 6.95 10.54
C LEU A 85 6.39 7.93 11.51
N SER A 86 5.64 8.91 12.00
CA SER A 86 6.17 9.88 12.94
C SER A 86 6.24 9.28 14.34
N SER A 87 7.23 9.74 15.11
CA SER A 87 7.47 9.23 16.45
C SER A 87 6.92 10.15 17.54
N GLN A 88 6.37 11.30 17.19
CA GLN A 88 5.81 12.17 18.22
C GLN A 88 4.33 11.85 18.41
N PRO A 89 3.86 11.71 19.65
CA PRO A 89 2.46 11.34 19.86
C PRO A 89 1.47 12.34 19.27
N GLU A 90 1.83 13.61 19.21
CA GLU A 90 0.90 14.63 18.73
C GLU A 90 0.59 14.47 17.25
N GLU A 91 1.58 14.03 16.45
CA GLU A 91 1.36 13.80 15.03
C GLU A 91 0.89 12.39 14.74
N ASN A 92 1.26 11.42 15.58
CA ASN A 92 0.89 10.01 15.40
C ASN A 92 0.36 9.49 16.72
N PRO A 93 -0.91 9.74 17.03
CA PRO A 93 -1.50 9.16 18.25
C PRO A 93 -1.53 7.64 18.23
N TYR A 94 -1.49 7.02 17.04
CA TYR A 94 -1.71 5.59 16.93
C TYR A 94 -0.49 4.78 17.39
N TRP A 95 0.63 4.92 16.68
CA TRP A 95 1.80 4.07 16.88
C TRP A 95 3.07 4.88 17.01
N TRP A 96 3.04 5.94 17.82
CA TRP A 96 4.19 6.84 17.90
C TRP A 96 5.43 6.14 18.45
N ASN A 97 5.25 5.08 19.24
CA ASN A 97 6.35 4.40 19.88
C ASN A 97 6.85 3.19 19.12
N ALA A 98 6.32 2.91 17.94
CA ALA A 98 6.67 1.69 17.23
C ALA A 98 8.00 1.87 16.47
N ASN A 99 8.63 0.75 16.16
CA ASN A 99 9.79 0.76 15.27
C ASN A 99 9.33 1.08 13.85
N MET A 100 9.94 2.10 13.25
CA MET A 100 9.49 2.64 11.98
C MET A 100 10.38 2.14 10.84
N VAL A 101 9.75 1.65 9.78
CA VAL A 101 10.45 1.19 8.58
C VAL A 101 9.78 1.80 7.35
N PHE A 102 10.57 2.52 6.55
CA PHE A 102 10.11 3.07 5.28
C PHE A 102 10.88 2.35 4.17
N ILE A 103 10.16 1.58 3.35
CA ILE A 103 10.76 0.82 2.27
C ILE A 103 10.55 1.60 0.96
N PRO A 104 11.60 2.17 0.38
CA PRO A 104 11.41 2.94 -0.86
C PRO A 104 10.91 2.07 -2.00
N TYR A 105 10.07 2.66 -2.84
CA TYR A 105 9.49 1.98 -4.00
C TYR A 105 10.42 2.20 -5.18
N CYS A 106 11.20 1.19 -5.52
CA CYS A 106 12.16 1.31 -6.62
C CYS A 106 12.09 0.14 -7.59
N SER A 107 10.97 -0.59 -7.63
CA SER A 107 10.81 -1.71 -8.52
C SER A 107 9.74 -1.50 -9.60
N SER A 108 8.89 -0.48 -9.46
CA SER A 108 7.93 -0.08 -10.49
C SER A 108 6.99 -1.22 -10.88
N ASP A 109 6.66 -2.10 -9.93
CA ASP A 109 5.91 -3.30 -10.22
C ASP A 109 4.72 -3.51 -9.27
N VAL A 110 4.27 -2.45 -8.60
CA VAL A 110 3.23 -2.53 -7.57
C VAL A 110 3.62 -3.59 -6.56
N TRP A 111 4.93 -3.69 -6.28
CA TRP A 111 5.47 -4.60 -5.27
C TRP A 111 5.13 -6.06 -5.56
N SER A 112 5.13 -6.44 -6.84
CA SER A 112 4.75 -7.78 -7.23
C SER A 112 5.84 -8.58 -7.94
N GLY A 113 6.89 -7.93 -8.44
CA GLY A 113 7.84 -8.62 -9.28
C GLY A 113 8.79 -9.52 -8.51
N ALA A 114 9.30 -10.52 -9.22
CA ALA A 114 10.33 -11.43 -8.73
C ALA A 114 11.23 -11.83 -9.89
N SER A 115 11.67 -10.83 -10.65
CA SER A 115 12.45 -11.05 -11.87
C SER A 115 13.71 -10.21 -11.81
N SER A 116 14.87 -10.87 -11.93
CA SER A 116 16.16 -10.20 -11.95
C SER A 116 16.49 -9.72 -13.35
N LYS A 117 17.26 -8.64 -13.44
CA LYS A 117 17.70 -8.13 -14.73
C LYS A 117 18.88 -8.95 -15.22
N SER A 118 18.84 -9.34 -16.49
CA SER A 118 19.86 -10.20 -17.08
C SER A 118 20.11 -9.75 -18.51
N GLU A 119 20.60 -10.66 -19.34
CA GLU A 119 20.80 -10.35 -20.75
C GLU A 119 19.48 -10.15 -21.48
N LYS A 120 18.39 -10.70 -20.97
CA LYS A 120 17.08 -10.62 -21.60
C LYS A 120 16.18 -9.56 -20.98
N ASN A 121 16.55 -9.00 -19.82
CA ASN A 121 15.74 -8.02 -19.11
C ASN A 121 16.57 -6.77 -18.88
N GLU A 122 16.09 -5.64 -19.41
CA GLU A 122 16.78 -4.38 -19.20
C GLU A 122 16.63 -3.88 -17.76
N TYR A 123 15.51 -4.17 -17.12
CA TYR A 123 15.26 -3.76 -15.75
C TYR A 123 14.93 -4.97 -14.89
N ALA A 124 15.26 -4.87 -13.61
CA ALA A 124 14.87 -5.88 -12.63
C ALA A 124 13.60 -5.42 -11.92
N PHE A 125 12.62 -6.31 -11.82
CA PHE A 125 11.37 -6.05 -11.11
C PHE A 125 11.30 -7.06 -9.98
N MET A 126 11.70 -6.64 -8.78
CA MET A 126 11.85 -7.54 -7.65
C MET A 126 11.11 -7.01 -6.42
N GLY A 127 9.98 -6.33 -6.63
CA GLY A 127 9.28 -5.71 -5.52
C GLY A 127 8.85 -6.71 -4.45
N ALA A 128 8.41 -7.89 -4.89
CA ALA A 128 7.99 -8.90 -3.92
C ALA A 128 9.18 -9.44 -3.12
N LEU A 129 10.34 -9.53 -3.76
CA LEU A 129 11.54 -10.00 -3.07
C LEU A 129 12.16 -8.93 -2.19
N ILE A 130 11.94 -7.65 -2.51
CA ILE A 130 12.44 -6.57 -1.67
C ILE A 130 11.78 -6.62 -0.30
N ILE A 131 10.47 -6.87 -0.25
CA ILE A 131 9.75 -6.90 1.02
C ILE A 131 10.26 -8.05 1.89
N GLN A 132 10.42 -9.23 1.29
CA GLN A 132 10.84 -10.41 2.04
C GLN A 132 12.28 -10.24 2.54
N GLU A 133 13.18 -9.76 1.67
CA GLU A 133 14.56 -9.57 2.08
C GLU A 133 14.68 -8.50 3.15
N VAL A 134 13.84 -7.47 3.10
CA VAL A 134 13.81 -6.46 4.15
C VAL A 134 13.37 -7.07 5.47
N VAL A 135 12.28 -7.85 5.44
CA VAL A 135 11.80 -8.52 6.64
C VAL A 135 12.89 -9.45 7.19
N ARG A 136 13.62 -10.14 6.31
CA ARG A 136 14.63 -11.09 6.76
C ARG A 136 15.79 -10.37 7.43
N GLU A 137 16.27 -9.27 6.85
CA GLU A 137 17.37 -8.52 7.43
C GLU A 137 16.96 -7.70 8.64
N LEU A 138 15.66 -7.53 8.90
CA LEU A 138 15.20 -6.80 10.07
C LEU A 138 15.08 -7.65 11.32
N LEU A 139 15.00 -8.98 11.16
CA LEU A 139 14.94 -9.85 12.34
C LEU A 139 16.16 -9.68 13.22
N GLY A 140 17.35 -9.57 12.61
CA GLY A 140 18.58 -9.35 13.35
C GLY A 140 18.72 -7.97 13.94
N ARG A 141 17.74 -7.08 13.74
CA ARG A 141 17.77 -5.74 14.31
C ARG A 141 16.60 -5.48 15.24
N GLY A 142 15.92 -6.53 15.69
CA GLY A 142 14.85 -6.38 16.66
C GLY A 142 13.53 -6.99 16.29
N LEU A 143 13.29 -7.20 14.99
CA LEU A 143 12.02 -7.77 14.54
C LEU A 143 11.81 -9.19 15.06
N SER A 144 12.88 -9.91 15.38
CA SER A 144 12.72 -11.26 15.90
C SER A 144 11.93 -11.27 17.21
N GLY A 145 12.03 -10.21 17.99
CA GLY A 145 11.26 -10.07 19.22
C GLY A 145 9.96 -9.31 19.06
N ALA A 146 9.52 -9.08 17.83
CA ALA A 146 8.32 -8.28 17.60
C ALA A 146 7.07 -9.03 18.03
N LYS A 147 6.03 -8.27 18.38
CA LYS A 147 4.71 -8.80 18.67
C LYS A 147 3.71 -8.55 17.55
N VAL A 148 3.81 -7.40 16.89
CA VAL A 148 2.96 -7.04 15.77
C VAL A 148 3.83 -6.50 14.65
N LEU A 149 3.65 -7.02 13.43
CA LEU A 149 4.25 -6.46 12.23
C LEU A 149 3.12 -5.92 11.36
N LEU A 150 2.97 -4.61 11.33
CA LEU A 150 1.96 -3.94 10.51
C LEU A 150 2.59 -3.57 9.18
N LEU A 151 2.19 -4.25 8.11
CA LEU A 151 2.65 -3.95 6.76
C LEU A 151 1.72 -2.92 6.16
N ALA A 152 2.19 -1.68 6.06
CA ALA A 152 1.39 -0.56 5.57
C ALA A 152 1.93 -0.07 4.23
N GLY A 153 1.10 0.71 3.55
CA GLY A 153 1.47 1.22 2.24
C GLY A 153 0.43 2.14 1.63
N SER A 154 0.88 3.09 0.81
CA SER A 154 0.02 4.07 0.18
C SER A 154 0.10 3.96 -1.33
N SER A 155 -1.02 4.18 -2.01
CA SER A 155 -1.12 4.17 -3.48
C SER A 155 -0.72 2.78 -3.96
N ALA A 156 0.24 2.66 -4.89
CA ALA A 156 0.71 1.34 -5.32
C ALA A 156 1.30 0.55 -4.15
N GLY A 157 1.78 1.23 -3.11
CA GLY A 157 2.20 0.54 -1.91
C GLY A 157 1.03 -0.07 -1.14
N GLY A 158 -0.13 0.58 -1.19
CA GLY A 158 -1.32 0.01 -0.58
C GLY A 158 -1.75 -1.26 -1.27
N THR A 159 -1.76 -1.26 -2.60
CA THR A 159 -1.98 -2.49 -3.35
C THR A 159 -0.88 -3.50 -3.07
N GLY A 160 0.34 -3.03 -2.80
CA GLY A 160 1.41 -3.93 -2.45
C GLY A 160 1.20 -4.63 -1.12
N VAL A 161 0.50 -3.96 -0.19
CA VAL A 161 0.14 -4.62 1.07
C VAL A 161 -0.78 -5.80 0.79
N LEU A 162 -1.80 -5.60 -0.05
CA LEU A 162 -2.74 -6.67 -0.37
C LEU A 162 -2.05 -7.84 -1.05
N LEU A 163 -1.02 -7.56 -1.86
CA LEU A 163 -0.30 -8.61 -2.56
C LEU A 163 0.71 -9.35 -1.69
N ASN A 164 1.17 -8.73 -0.60
CA ASN A 164 2.32 -9.24 0.13
C ASN A 164 2.10 -9.50 1.62
N VAL A 165 0.94 -9.14 2.18
CA VAL A 165 0.76 -9.29 3.62
C VAL A 165 0.75 -10.78 4.00
N ASP A 166 0.10 -11.61 3.19
CA ASP A 166 0.06 -13.04 3.48
C ASP A 166 1.41 -13.69 3.24
N ARG A 167 2.14 -13.22 2.23
CA ARG A 167 3.48 -13.76 1.98
C ARG A 167 4.43 -13.42 3.12
N VAL A 168 4.25 -12.26 3.75
CA VAL A 168 5.09 -11.90 4.90
C VAL A 168 4.79 -12.83 6.08
N ALA A 169 3.51 -13.17 6.28
CA ALA A 169 3.15 -14.05 7.39
C ALA A 169 3.71 -15.46 7.19
N GLU A 170 3.65 -15.97 5.96
CA GLU A 170 4.11 -17.32 5.69
C GLU A 170 5.63 -17.43 5.80
N GLN A 171 6.34 -16.36 5.41
CA GLN A 171 7.80 -16.36 5.52
C GLN A 171 8.24 -16.40 6.98
N LEU A 172 7.56 -15.65 7.85
CA LEU A 172 7.90 -15.67 9.27
C LEU A 172 7.48 -16.98 9.92
N GLU A 173 6.39 -17.58 9.44
CA GLU A 173 5.94 -18.86 9.97
C GLU A 173 6.99 -19.95 9.73
N LYS A 174 7.40 -20.13 8.48
CA LYS A 174 8.40 -21.13 8.12
C LYS A 174 9.81 -20.73 8.53
N LEU A 175 10.00 -19.62 9.24
CA LEU A 175 11.30 -19.24 9.77
C LEU A 175 11.36 -19.32 11.29
N GLY A 176 10.32 -19.85 11.92
CA GLY A 176 10.31 -20.01 13.36
C GLY A 176 9.88 -18.78 14.14
N TYR A 177 8.91 -18.03 13.63
CA TYR A 177 8.38 -16.84 14.30
C TYR A 177 6.87 -16.80 14.15
N PRO A 178 6.14 -17.71 14.80
CA PRO A 178 4.68 -17.64 14.79
C PRO A 178 4.09 -16.68 15.79
N ALA A 179 4.92 -16.08 16.67
CA ALA A 179 4.45 -15.12 17.65
C ALA A 179 4.23 -13.72 17.08
N ILE A 180 4.93 -13.38 15.99
CA ILE A 180 4.73 -12.08 15.35
C ILE A 180 3.42 -12.13 14.57
N GLN A 181 2.46 -11.30 14.96
CA GLN A 181 1.18 -11.23 14.30
C GLN A 181 1.28 -10.23 13.15
N VAL A 182 1.23 -10.72 11.92
CA VAL A 182 1.36 -9.89 10.73
C VAL A 182 -0.01 -9.31 10.38
N ARG A 183 -0.05 -8.00 10.13
CA ARG A 183 -1.27 -7.30 9.76
C ARG A 183 -0.97 -6.36 8.59
N GLY A 184 -2.02 -5.97 7.90
CA GLY A 184 -1.90 -5.12 6.73
C GLY A 184 -2.68 -3.83 6.88
N LEU A 185 -2.15 -2.75 6.31
CA LEU A 185 -2.80 -1.45 6.27
C LEU A 185 -2.68 -0.92 4.85
N ALA A 186 -3.75 -1.02 4.07
CA ALA A 186 -3.75 -0.64 2.66
C ALA A 186 -4.37 0.74 2.51
N ASP A 187 -3.56 1.72 2.15
CA ASP A 187 -4.00 3.11 1.99
C ASP A 187 -4.02 3.46 0.51
N SER A 188 -5.21 3.84 0.02
CA SER A 188 -5.39 4.34 -1.34
C SER A 188 -4.88 3.35 -2.39
N GLY A 189 -4.98 2.06 -2.09
CA GLY A 189 -4.59 1.03 -3.04
C GLY A 189 -5.74 0.10 -3.38
N TRP A 190 -6.96 0.58 -3.16
CA TRP A 190 -8.18 -0.19 -3.37
C TRP A 190 -8.85 0.33 -4.63
N PHE A 191 -8.39 -0.16 -5.78
CA PHE A 191 -8.81 0.35 -7.08
C PHE A 191 -9.90 -0.53 -7.69
N LEU A 192 -10.63 0.07 -8.62
CA LEU A 192 -11.70 -0.60 -9.36
C LEU A 192 -11.30 -0.74 -10.80
N ASP A 193 -11.50 -1.94 -11.36
CA ASP A 193 -11.26 -2.18 -12.78
C ASP A 193 -12.52 -1.82 -13.59
N ASN A 194 -12.96 -0.58 -13.41
CA ASN A 194 -14.22 -0.10 -13.96
C ASN A 194 -14.03 0.45 -15.37
N LYS A 195 -15.13 0.89 -15.96
CA LYS A 195 -15.10 1.49 -17.29
C LYS A 195 -14.70 2.95 -17.20
N GLN A 196 -13.86 3.39 -18.14
CA GLN A 196 -13.41 4.76 -18.14
C GLN A 196 -14.54 5.71 -18.53
N TYR A 197 -14.46 6.94 -18.04
CA TYR A 197 -15.43 7.96 -18.43
C TYR A 197 -15.36 8.24 -19.93
N ARG A 198 -14.14 8.39 -20.45
CA ARG A 198 -13.88 8.44 -21.89
C ARG A 198 -12.73 7.50 -22.21
N HIS A 199 -12.84 6.80 -23.33
CA HIS A 199 -11.83 5.82 -23.72
C HIS A 199 -10.50 6.49 -24.02
N THR A 207 -1.20 3.93 -25.05
CA THR A 207 -1.15 3.65 -23.63
C THR A 207 -2.34 2.78 -23.23
N CYS A 208 -2.17 1.99 -22.16
CA CYS A 208 -3.19 1.05 -21.71
C CYS A 208 -3.87 1.60 -20.47
N ALA A 209 -5.22 1.58 -20.48
CA ALA A 209 -6.17 2.19 -19.56
C ALA A 209 -5.79 1.94 -18.08
N PRO A 210 -6.53 1.14 -17.26
CA PRO A 210 -5.83 0.52 -16.13
C PRO A 210 -5.76 -1.01 -16.19
N THR A 211 -6.87 -1.67 -16.51
CA THR A 211 -6.91 -3.13 -16.43
C THR A 211 -5.96 -3.77 -17.44
N GLU A 212 -5.68 -3.09 -18.55
CA GLU A 212 -4.73 -3.61 -19.53
C GLU A 212 -3.29 -3.33 -19.14
N ALA A 213 -3.04 -2.30 -18.35
CA ALA A 213 -1.68 -2.02 -17.88
C ALA A 213 -1.19 -3.11 -16.94
N ILE A 214 -2.06 -3.55 -16.01
CA ILE A 214 -1.68 -4.60 -15.08
C ILE A 214 -1.49 -5.92 -15.81
N ARG A 215 -2.36 -6.19 -16.79
CA ARG A 215 -2.23 -7.41 -17.59
C ARG A 215 -0.86 -7.50 -18.23
N ARG A 216 -0.40 -6.41 -18.84
CA ARG A 216 0.92 -6.39 -19.46
C ARG A 216 2.03 -6.29 -18.44
N GLY A 217 1.78 -5.63 -17.31
CA GLY A 217 2.81 -5.52 -16.29
C GLY A 217 3.20 -6.86 -15.70
N ILE A 218 2.20 -7.68 -15.34
CA ILE A 218 2.47 -9.00 -14.77
C ILE A 218 3.39 -9.79 -15.68
N ARG A 219 3.08 -9.85 -16.97
CA ARG A 219 3.94 -10.56 -17.90
C ARG A 219 5.32 -9.90 -17.99
N TYR A 220 5.36 -8.58 -17.90
CA TYR A 220 6.63 -7.86 -18.01
C TYR A 220 7.45 -7.95 -16.73
N TRP A 221 6.80 -7.99 -15.58
CA TRP A 221 7.49 -8.09 -14.29
C TRP A 221 7.69 -9.53 -13.84
N ASN A 222 7.00 -10.48 -14.46
CA ASN A 222 6.73 -11.79 -13.86
C ASN A 222 6.28 -11.61 -12.42
N GLY A 223 5.19 -10.86 -12.27
CA GLY A 223 4.65 -10.59 -10.95
C GLY A 223 4.00 -11.80 -10.33
N VAL A 224 3.89 -11.76 -9.01
CA VAL A 224 3.25 -12.82 -8.23
C VAL A 224 2.14 -12.21 -7.39
N VAL A 225 1.14 -13.03 -7.09
CA VAL A 225 -0.06 -12.59 -6.37
C VAL A 225 -0.31 -13.54 -5.22
N PRO A 226 -1.17 -13.20 -4.25
CA PRO A 226 -1.47 -14.15 -3.16
C PRO A 226 -1.92 -15.49 -3.70
N GLU A 227 -1.56 -16.55 -2.97
CA GLU A 227 -1.71 -17.91 -3.49
C GLU A 227 -3.17 -18.28 -3.70
N ARG A 228 -4.01 -18.04 -2.69
CA ARG A 228 -5.42 -18.40 -2.82
C ARG A 228 -6.11 -17.61 -3.93
N CYS A 229 -5.75 -16.33 -4.08
CA CYS A 229 -6.30 -15.54 -5.18
C CYS A 229 -5.80 -16.07 -6.51
N ARG A 230 -4.53 -16.47 -6.58
CA ARG A 230 -3.98 -17.05 -7.79
C ARG A 230 -4.72 -18.33 -8.17
N ARG A 231 -5.08 -19.14 -7.18
CA ARG A 231 -5.77 -20.40 -7.46
C ARG A 231 -7.21 -20.19 -7.92
N GLN A 232 -7.81 -19.05 -7.58
CA GLN A 232 -9.19 -18.79 -8.04
C GLN A 232 -9.22 -18.33 -9.49
N PHE A 233 -8.36 -17.38 -9.86
CA PHE A 233 -8.37 -16.83 -11.20
C PHE A 233 -7.44 -17.56 -12.17
N GLN A 234 -6.41 -18.24 -11.67
CA GLN A 234 -5.57 -19.14 -12.44
C GLN A 234 -4.77 -18.43 -13.54
N GLU A 235 -4.14 -19.23 -14.40
CA GLU A 235 -3.14 -18.72 -15.34
C GLU A 235 -3.75 -17.68 -16.29
N GLY A 236 -2.96 -16.66 -16.59
CA GLY A 236 -3.37 -15.60 -17.47
C GLY A 236 -4.32 -14.58 -16.88
N GLU A 237 -4.90 -14.85 -15.71
CA GLU A 237 -5.90 -13.97 -15.11
C GLU A 237 -5.47 -13.46 -13.73
N GLU A 238 -4.18 -13.55 -13.40
CA GLU A 238 -3.71 -13.09 -12.10
C GLU A 238 -3.80 -11.57 -11.95
N TRP A 239 -4.02 -10.83 -13.05
CA TRP A 239 -4.21 -9.39 -12.94
C TRP A 239 -5.39 -9.05 -12.04
N ASN A 240 -6.37 -9.95 -11.95
CA ASN A 240 -7.53 -9.74 -11.09
C ASN A 240 -7.13 -9.50 -9.63
N CYS A 241 -6.04 -10.13 -9.19
CA CYS A 241 -5.60 -10.04 -7.80
C CYS A 241 -4.95 -8.71 -7.45
N PHE A 242 -4.76 -7.83 -8.42
CA PHE A 242 -4.27 -6.48 -8.15
C PHE A 242 -5.38 -5.52 -7.74
N PHE A 243 -6.62 -6.00 -7.66
CA PHE A 243 -7.76 -5.15 -7.36
C PHE A 243 -8.37 -5.59 -6.03
N GLY A 244 -8.53 -4.64 -5.11
CA GLY A 244 -8.78 -4.98 -3.72
C GLY A 244 -10.01 -5.82 -3.50
N TYR A 245 -11.11 -5.49 -4.16
CA TYR A 245 -12.36 -6.20 -3.90
C TYR A 245 -12.33 -7.65 -4.35
N LYS A 246 -11.34 -8.05 -5.15
CA LYS A 246 -11.23 -9.44 -5.57
C LYS A 246 -10.16 -10.21 -4.81
N VAL A 247 -9.13 -9.54 -4.29
CA VAL A 247 -8.03 -10.23 -3.64
C VAL A 247 -8.22 -10.23 -2.12
N TYR A 248 -8.85 -9.19 -1.59
CA TYR A 248 -9.06 -9.10 -0.14
C TYR A 248 -9.81 -10.30 0.44
N PRO A 249 -10.92 -10.77 -0.14
CA PRO A 249 -11.63 -11.91 0.47
C PRO A 249 -10.80 -13.17 0.56
N THR A 250 -9.71 -13.29 -0.19
CA THR A 250 -8.87 -14.49 -0.18
C THR A 250 -7.74 -14.41 0.83
N LEU A 251 -7.54 -13.27 1.47
CA LEU A 251 -6.43 -13.09 2.40
C LEU A 251 -6.81 -13.57 3.81
N ARG A 252 -5.83 -14.12 4.52
CA ARG A 252 -6.02 -14.58 5.88
C ARG A 252 -5.61 -13.56 6.93
N SER A 253 -4.55 -12.79 6.65
CA SER A 253 -4.09 -11.77 7.58
C SER A 253 -5.13 -10.65 7.68
N PRO A 254 -5.29 -10.06 8.87
CA PRO A 254 -6.22 -8.92 9.00
C PRO A 254 -5.67 -7.71 8.26
N VAL A 255 -6.53 -7.08 7.45
CA VAL A 255 -6.13 -5.93 6.66
C VAL A 255 -7.12 -4.80 6.90
N PHE A 256 -6.61 -3.65 7.34
CA PHE A 256 -7.38 -2.43 7.45
C PHE A 256 -7.26 -1.67 6.14
N VAL A 257 -8.41 -1.28 5.57
CA VAL A 257 -8.47 -0.68 4.24
C VAL A 257 -8.81 0.79 4.39
N VAL A 258 -7.92 1.67 3.93
CA VAL A 258 -8.15 3.11 3.88
C VAL A 258 -8.26 3.50 2.41
N GLN A 259 -9.34 4.17 2.05
CA GLN A 259 -9.58 4.46 0.64
C GLN A 259 -10.46 5.70 0.51
N TRP A 260 -9.91 6.77 -0.08
CA TRP A 260 -10.76 7.86 -0.52
C TRP A 260 -11.80 7.33 -1.49
N LEU A 261 -13.06 7.76 -1.31
CA LEU A 261 -14.12 7.32 -2.21
C LEU A 261 -13.88 7.79 -3.64
N PHE A 262 -13.24 8.94 -3.79
CA PHE A 262 -12.96 9.52 -5.11
C PHE A 262 -11.45 9.72 -5.23
N ASP A 263 -10.73 8.61 -5.34
CA ASP A 263 -9.27 8.65 -5.39
C ASP A 263 -8.79 9.30 -6.67
N GLU A 264 -7.78 10.16 -6.55
CA GLU A 264 -7.30 10.91 -7.71
C GLU A 264 -6.68 9.98 -8.75
N ALA A 265 -5.90 8.98 -8.30
CA ALA A 265 -5.34 8.03 -9.25
C ALA A 265 -6.44 7.21 -9.92
N GLN A 266 -7.48 6.85 -9.16
CA GLN A 266 -8.61 6.15 -9.76
C GLN A 266 -9.28 7.00 -10.84
N LEU A 267 -9.47 8.29 -10.57
CA LEU A 267 -10.06 9.17 -11.58
C LEU A 267 -9.11 9.38 -12.75
N THR A 268 -7.80 9.39 -12.49
CA THR A 268 -6.83 9.56 -13.57
C THR A 268 -6.94 8.43 -14.59
N VAL A 269 -6.87 7.18 -14.12
CA VAL A 269 -7.00 6.03 -15.02
C VAL A 269 -8.40 5.90 -15.58
N ASP A 270 -9.37 6.64 -15.03
CA ASP A 270 -10.71 6.71 -15.60
C ASP A 270 -10.89 7.88 -16.55
N ASN A 271 -9.83 8.63 -16.81
CA ASN A 271 -9.87 9.79 -17.71
C ASN A 271 -10.89 10.83 -17.23
N VAL A 272 -10.93 11.05 -15.92
CA VAL A 272 -11.76 12.10 -15.32
C VAL A 272 -10.84 13.22 -14.87
N HIS A 273 -11.14 14.44 -15.32
CA HIS A 273 -10.31 15.59 -14.97
C HIS A 273 -11.15 16.71 -14.37
N PRO A 278 -17.57 23.31 -14.13
CA PRO A 278 -19.02 23.04 -14.11
C PRO A 278 -19.33 21.63 -14.63
N VAL A 279 -19.63 20.71 -13.71
CA VAL A 279 -19.75 19.30 -14.04
C VAL A 279 -21.12 19.05 -14.67
N GLN A 280 -21.14 18.50 -15.88
CA GLN A 280 -22.39 18.18 -16.53
C GLN A 280 -22.94 16.84 -16.03
N GLU A 281 -24.15 16.51 -16.47
CA GLU A 281 -24.88 15.37 -15.92
C GLU A 281 -24.12 14.06 -16.13
N GLY A 282 -23.55 13.86 -17.32
CA GLY A 282 -22.86 12.62 -17.61
C GLY A 282 -21.72 12.35 -16.64
N LEU A 283 -20.88 13.38 -16.40
CA LEU A 283 -19.77 13.22 -15.48
C LEU A 283 -20.26 13.13 -14.04
N ARG A 284 -21.32 13.85 -13.70
CA ARG A 284 -21.87 13.77 -12.36
C ARG A 284 -22.33 12.36 -12.03
N LEU A 285 -23.08 11.74 -12.94
CA LEU A 285 -23.53 10.36 -12.73
C LEU A 285 -22.34 9.41 -12.67
N TYR A 286 -21.30 9.67 -13.46
CA TYR A 286 -20.11 8.82 -13.42
C TYR A 286 -19.40 8.93 -12.08
N ILE A 287 -19.30 10.14 -11.53
CA ILE A 287 -18.62 10.32 -10.25
C ILE A 287 -19.45 9.73 -9.12
N GLN A 288 -20.76 9.94 -9.14
CA GLN A 288 -21.61 9.39 -8.08
C GLN A 288 -21.70 7.87 -8.16
N ASN A 289 -21.64 7.30 -9.37
CA ASN A 289 -21.64 5.85 -9.50
C ASN A 289 -20.32 5.26 -9.01
N LEU A 290 -19.21 5.95 -9.26
CA LEU A 290 -17.92 5.49 -8.76
C LEU A 290 -17.91 5.43 -7.24
N GLY A 291 -18.36 6.52 -6.60
CA GLY A 291 -18.47 6.51 -5.15
C GLY A 291 -19.39 5.41 -4.65
N ARG A 292 -20.50 5.19 -5.35
CA ARG A 292 -21.41 4.10 -4.99
C ARG A 292 -20.73 2.75 -5.12
N GLU A 293 -20.06 2.51 -6.26
CA GLU A 293 -19.40 1.23 -6.48
C GLU A 293 -18.36 0.94 -5.42
N LEU A 294 -17.61 1.96 -5.01
CA LEU A 294 -16.56 1.74 -4.02
C LEU A 294 -17.14 1.41 -2.65
N ARG A 295 -18.22 2.11 -2.27
CA ARG A 295 -18.89 1.79 -1.00
C ARG A 295 -19.33 0.33 -0.98
N HIS A 296 -19.91 -0.14 -2.08
CA HIS A 296 -20.41 -1.51 -2.14
C HIS A 296 -19.29 -2.53 -1.94
N THR A 297 -18.12 -2.27 -2.52
CA THR A 297 -17.01 -3.19 -2.37
C THR A 297 -16.46 -3.21 -0.96
N LEU A 298 -16.75 -2.18 -0.15
CA LEU A 298 -16.27 -2.14 1.22
C LEU A 298 -17.30 -2.58 2.24
N LYS A 299 -18.53 -2.90 1.81
CA LYS A 299 -19.58 -3.26 2.76
C LYS A 299 -19.21 -4.48 3.59
N ASP A 300 -18.42 -5.38 3.03
CA ASP A 300 -18.02 -6.61 3.72
C ASP A 300 -16.61 -6.51 4.29
N VAL A 301 -15.97 -5.35 4.22
CA VAL A 301 -14.65 -5.14 4.81
C VAL A 301 -14.86 -4.58 6.22
N PRO A 302 -14.62 -5.37 7.27
CA PRO A 302 -14.99 -4.90 8.62
C PRO A 302 -14.15 -3.74 9.11
N ALA A 303 -12.86 -3.72 8.81
CA ALA A 303 -11.95 -2.67 9.26
C ALA A 303 -11.63 -1.78 8.06
N SER A 304 -12.30 -0.63 7.99
CA SER A 304 -12.15 0.24 6.83
C SER A 304 -12.40 1.69 7.21
N PHE A 305 -11.77 2.59 6.46
CA PHE A 305 -11.90 4.03 6.66
C PHE A 305 -11.94 4.66 5.27
N ALA A 306 -13.11 5.15 4.85
CA ALA A 306 -13.32 5.56 3.46
C ALA A 306 -14.07 6.89 3.41
N PRO A 307 -13.35 8.00 3.53
CA PRO A 307 -14.01 9.31 3.46
C PRO A 307 -14.40 9.68 2.04
N ALA A 308 -15.45 10.49 1.94
CA ALA A 308 -15.95 10.95 0.64
C ALA A 308 -15.21 12.22 0.23
N CYS A 309 -13.95 12.03 -0.16
CA CYS A 309 -13.08 13.12 -0.55
C CYS A 309 -12.40 12.81 -1.87
N LEU A 310 -12.05 13.88 -2.59
CA LEU A 310 -11.20 13.80 -3.78
C LEU A 310 -9.77 14.11 -3.32
N SER A 311 -8.97 13.06 -3.14
CA SER A 311 -7.63 13.22 -2.61
C SER A 311 -6.80 11.99 -3.01
N HIS A 312 -5.60 11.89 -2.46
CA HIS A 312 -4.68 10.80 -2.77
C HIS A 312 -3.75 10.59 -1.59
N GLU A 313 -3.72 9.36 -1.07
CA GLU A 313 -2.90 8.97 0.07
C GLU A 313 -3.32 9.70 1.35
N ILE A 314 -2.83 9.24 2.51
CA ILE A 314 -3.12 9.93 3.76
C ILE A 314 -2.15 9.55 4.87
N ILE A 315 -1.88 8.25 5.03
CA ILE A 315 -1.34 7.78 6.30
C ILE A 315 0.07 8.30 6.62
N ILE A 316 0.81 8.78 5.63
CA ILE A 316 2.12 9.38 5.90
C ILE A 316 2.09 10.90 5.73
N ARG A 317 0.91 11.48 5.49
CA ARG A 317 0.79 12.93 5.47
C ARG A 317 0.73 13.46 6.91
N SER A 318 1.36 14.61 7.13
CA SER A 318 1.52 15.10 8.49
C SER A 318 0.18 15.38 9.16
N HIS A 319 -0.81 15.82 8.39
CA HIS A 319 -2.13 16.15 8.92
C HIS A 319 -3.13 15.03 8.67
N TRP A 320 -2.69 13.78 8.79
CA TRP A 320 -3.57 12.64 8.60
C TRP A 320 -4.55 12.47 9.75
N THR A 321 -4.31 13.14 10.89
CA THR A 321 -5.22 13.07 12.02
C THR A 321 -6.46 13.93 11.84
N ASP A 322 -6.51 14.76 10.79
CA ASP A 322 -7.55 15.76 10.68
C ASP A 322 -8.85 15.18 10.14
N VAL A 323 -8.78 14.26 9.18
CA VAL A 323 -9.99 13.75 8.55
C VAL A 323 -10.79 12.92 9.54
N GLN A 324 -12.12 13.02 9.44
CA GLN A 324 -13.02 12.24 10.27
C GLN A 324 -14.14 11.67 9.42
N VAL A 325 -14.56 10.45 9.74
CA VAL A 325 -15.73 9.84 9.15
C VAL A 325 -16.69 9.51 10.29
N LYS A 326 -17.85 10.16 10.29
CA LYS A 326 -18.86 9.99 11.33
C LYS A 326 -18.29 10.30 12.71
N GLY A 327 -17.45 11.32 12.77
CA GLY A 327 -16.91 11.82 14.02
C GLY A 327 -15.70 11.09 14.57
N THR A 328 -15.22 10.06 13.88
CA THR A 328 -14.08 9.27 14.34
C THR A 328 -12.91 9.46 13.40
N SER A 329 -11.73 9.73 13.96
CA SER A 329 -10.53 9.92 13.15
C SER A 329 -9.92 8.58 12.76
N LEU A 330 -9.00 8.63 11.80
CA LEU A 330 -8.29 7.44 11.33
C LEU A 330 -7.36 6.88 12.40
N PRO A 331 -6.58 7.70 13.12
CA PRO A 331 -5.80 7.15 14.23
C PRO A 331 -6.65 6.42 15.26
N ARG A 332 -7.82 6.97 15.61
CA ARG A 332 -8.70 6.28 16.56
C ARG A 332 -9.23 4.99 15.95
N ALA A 333 -9.69 5.05 14.69
CA ALA A 333 -10.17 3.85 14.02
C ALA A 333 -9.11 2.76 14.00
N LEU A 334 -7.85 3.14 13.83
CA LEU A 334 -6.77 2.15 13.87
C LEU A 334 -6.55 1.63 15.29
N HIS A 335 -6.73 2.50 16.30
CA HIS A 335 -6.65 2.05 17.68
C HIS A 335 -7.74 1.02 17.98
N CYS A 336 -8.98 1.33 17.58
CA CYS A 336 -10.08 0.38 17.79
C CYS A 336 -9.82 -0.93 17.06
N TRP A 337 -9.20 -0.86 15.88
CA TRP A 337 -8.85 -2.07 15.16
C TRP A 337 -7.85 -2.91 15.94
N ASP A 338 -6.88 -2.27 16.58
CA ASP A 338 -5.95 -3.00 17.44
C ASP A 338 -6.70 -3.65 18.60
N ARG A 339 -7.66 -2.93 19.19
CA ARG A 339 -8.43 -3.50 20.29
C ARG A 339 -9.25 -4.70 19.84
N SER A 340 -9.85 -4.62 18.65
CA SER A 340 -10.68 -5.72 18.16
C SER A 340 -9.85 -6.98 17.95
N LEU A 341 -8.55 -6.84 17.68
CA LEU A 341 -7.66 -7.97 17.50
C LEU A 341 -7.02 -8.43 18.81
N HIS A 342 -7.37 -7.79 19.94
CA HIS A 342 -6.96 -8.27 21.26
C HIS A 342 -7.91 -9.40 21.65
N ASP A 343 -7.62 -10.59 21.14
CA ASP A 343 -8.46 -11.77 21.36
C ASP A 343 -9.89 -11.54 20.88
N PRO A 351 -18.16 -5.05 18.20
CA PRO A 351 -18.31 -5.50 19.59
C PRO A 351 -17.78 -4.49 20.60
N LEU A 352 -17.17 -3.41 20.12
CA LEU A 352 -16.61 -2.38 20.96
C LEU A 352 -17.57 -1.21 21.08
N LYS A 353 -17.65 -0.64 22.28
CA LYS A 353 -18.56 0.48 22.55
C LYS A 353 -17.84 1.79 22.24
N GLY A 354 -18.38 2.56 21.30
CA GLY A 354 -17.80 3.85 20.96
C GLY A 354 -16.41 3.78 20.39
N CYS A 355 -16.06 2.67 19.73
CA CYS A 355 -14.75 2.50 19.09
C CYS A 355 -14.96 1.78 17.77
N PRO A 356 -15.50 2.49 16.76
CA PRO A 356 -15.86 1.82 15.51
C PRO A 356 -14.64 1.51 14.65
N VAL A 357 -14.77 0.43 13.87
CA VAL A 357 -13.73 0.04 12.94
C VAL A 357 -14.18 0.17 11.48
N HIS A 358 -15.49 0.09 11.21
CA HIS A 358 -16.03 0.23 9.86
C HIS A 358 -16.58 1.65 9.74
N LEU A 359 -15.85 2.50 9.02
CA LEU A 359 -16.21 3.91 8.86
C LEU A 359 -16.18 4.25 7.36
N VAL A 360 -17.33 4.17 6.72
CA VAL A 360 -17.47 4.44 5.30
C VAL A 360 -18.49 5.56 5.12
N ASP A 361 -18.05 6.68 4.54
CA ASP A 361 -18.96 7.77 4.26
C ASP A 361 -20.09 7.31 3.33
N SER A 362 -21.29 7.86 3.54
CA SER A 362 -22.42 7.52 2.70
C SER A 362 -22.80 8.64 1.73
N CYS A 363 -22.41 9.87 2.01
CA CYS A 363 -22.78 10.97 1.14
C CYS A 363 -22.04 10.85 -0.21
N PRO A 364 -22.66 11.31 -1.29
CA PRO A 364 -22.28 10.84 -2.64
C PRO A 364 -21.44 11.80 -3.48
N TRP A 365 -20.88 12.87 -2.92
CA TRP A 365 -20.12 13.78 -3.77
C TRP A 365 -18.82 14.18 -3.09
N PRO A 366 -17.75 14.36 -3.87
CA PRO A 366 -16.48 14.83 -3.29
C PRO A 366 -16.67 16.01 -2.35
N HIS A 367 -16.04 15.93 -1.18
CA HIS A 367 -16.03 16.96 -0.15
C HIS A 367 -17.39 17.16 0.53
N CYS A 368 -18.28 16.16 0.46
CA CYS A 368 -19.47 16.20 1.30
C CYS A 368 -19.12 15.91 2.75
N ASN A 369 -17.96 15.32 3.00
CA ASN A 369 -17.39 15.24 4.34
C ASN A 369 -16.66 16.54 4.63
N PRO A 370 -17.05 17.29 5.66
CA PRO A 370 -16.44 18.61 5.89
C PRO A 370 -14.97 18.54 6.29
N SER A 371 -14.47 17.39 6.74
CA SER A 371 -13.09 17.25 7.17
C SER A 371 -12.16 16.82 6.05
N CYS A 372 -12.60 16.89 4.80
CA CYS A 372 -11.75 16.53 3.68
C CYS A 372 -10.60 17.52 3.56
N PRO A 373 -9.44 17.07 3.05
CA PRO A 373 -8.34 18.00 2.80
C PRO A 373 -8.72 19.05 1.76
N THR A 374 -7.99 20.16 1.79
CA THR A 374 -8.26 21.28 0.89
C THR A 374 -7.21 21.39 -0.21
S SO4 B . 14.85 11.89 -10.07
O1 SO4 B . 14.13 10.87 -9.31
O2 SO4 B . 14.44 13.21 -9.61
O3 SO4 B . 14.53 11.74 -11.49
O4 SO4 B . 16.28 11.73 -9.87
S SO4 C . 13.38 -5.03 -22.34
O1 SO4 C . 13.17 -4.20 -21.15
O2 SO4 C . 14.12 -6.23 -21.95
O3 SO4 C . 12.10 -5.40 -22.91
O4 SO4 C . 14.15 -4.29 -23.32
S SO4 D . -9.39 -3.78 25.66
O1 SO4 D . -10.39 -3.31 26.64
O2 SO4 D . -8.92 -5.09 26.06
O3 SO4 D . -10.01 -3.85 24.34
O4 SO4 D . -8.28 -2.83 25.63
C1 GOL E . -3.85 0.14 22.04
O1 GOL E . -4.53 -1.08 22.19
C2 GOL E . -2.97 0.02 20.78
O2 GOL E . -2.79 -1.31 20.39
C3 GOL E . -3.69 0.85 19.69
O3 GOL E . -3.57 2.19 20.05
C1 NAG F . 19.58 -13.14 -1.79
C2 NAG F . 19.71 -14.52 -1.15
C3 NAG F . 19.47 -15.61 -2.19
C4 NAG F . 18.16 -15.38 -2.92
C5 NAG F . 18.12 -13.96 -3.50
C6 NAG F . 16.80 -13.62 -4.15
C7 NAG F . 21.18 -14.73 0.81
C8 NAG F . 22.58 -14.92 1.28
N2 NAG F . 21.00 -14.69 -0.51
O3 NAG F . 19.45 -16.88 -1.54
O4 NAG F . 18.01 -16.32 -3.98
O5 NAG F . 18.32 -13.01 -2.45
O6 NAG F . 15.78 -13.44 -3.19
O7 NAG F . 20.23 -14.61 1.59
C01 U4K G . -4.46 -0.34 -10.36
C02 U4K G . -4.10 1.01 -10.19
C03 U4K G . -4.92 2.04 -10.72
C04 U4K G . -4.52 3.35 -10.54
C06 U4K G . -2.64 2.71 -9.37
C08 U4K G . -1.13 5.00 -8.34
C09 U4K G . 0.00 5.45 -7.43
C12 U4K G . -2.95 1.34 -9.52
C13 U4K G . -2.13 0.33 -8.98
C14 U4K G . -2.49 -1.00 -9.14
C15 U4K G . -3.65 -1.34 -9.83
N05 U4K G . -3.41 3.65 -9.88
O10 U4K G . 0.86 4.62 -7.03
O11 U4K G . 0.08 6.66 -7.06
S07 U4K G . -1.13 3.18 -8.48
#